data_6G0Z
#
_entry.id   6G0Z
#
_cell.length_a   71.932
_cell.length_b   77.812
_cell.length_c   124.667
_cell.angle_alpha   90.00
_cell.angle_beta   90.00
_cell.angle_gamma   90.00
#
_symmetry.space_group_name_H-M   'P 21 21 21'
#
loop_
_entity.id
_entity.type
_entity.pdbx_description
1 polymer 'Ribosome biogenesis GTPase A'
2 non-polymer "GUANOSINE-5'-DIPHOSPHATE"
3 water water
#
_entity_poly.entity_id   1
_entity_poly.type   'polypeptide(L)'
_entity_poly.pdbx_seq_one_letter_code
;MGHHHHHHVIQWYPGHMAKAKREVSEQLKKVDVVFELVDARIPYSSRNPMIDEVINQKPRVVILNKKDMSNLNEMSKWEQ
FFIDKGYYPVSVDAKHGKNLKKVEAAAIKATAEKFEREKAKGLKPRAIRAMIVGIPNVGKSTLINKLAKRSIAQTGNKPG
VTKQQQWIKVGNALQLLDTPGILWPKFEDEEVGKKLSLTGAIKDSIVHLDEVAIYGLNFLIQNDLARLKSHYNIEVPEDA
EIIAWFDAIGKKRGLIRRGNEIDYEAVIELIIYDIRNAKIGNYCFDIFKDMTEELANDANN
;
_entity_poly.pdbx_strand_id   B,A
#
loop_
_chem_comp.id
_chem_comp.type
_chem_comp.name
_chem_comp.formula
GDP RNA linking GUANOSINE-5'-DIPHOSPHATE 'C10 H15 N5 O11 P2'
#
# COMPACT_ATOMS: atom_id res chain seq x y z
N VAL A 9 -4.99 17.99 9.96
CA VAL A 9 -6.30 18.60 10.15
C VAL A 9 -6.19 20.12 10.33
N ILE A 10 -7.06 20.85 9.65
CA ILE A 10 -7.05 22.30 9.72
C ILE A 10 -8.31 22.79 10.39
N GLN A 11 -8.13 23.66 11.37
CA GLN A 11 -9.27 24.20 12.08
C GLN A 11 -9.67 25.51 11.40
N TRP A 12 -10.84 25.51 10.78
CA TRP A 12 -11.30 26.69 10.04
C TRP A 12 -12.16 27.66 10.86
N TYR A 13 -11.64 28.18 11.96
CA TYR A 13 -12.30 29.25 12.66
C TYR A 13 -12.24 30.48 11.75
N PRO A 14 -13.20 31.43 11.90
CA PRO A 14 -13.41 32.54 10.96
C PRO A 14 -12.17 33.32 10.51
N GLY A 15 -11.33 33.68 11.48
CA GLY A 15 -10.15 34.47 11.20
C GLY A 15 -9.18 33.70 10.32
N HIS A 16 -9.06 32.41 10.59
CA HIS A 16 -8.20 31.58 9.77
C HIS A 16 -8.65 31.52 8.30
N MET A 17 -9.96 31.46 8.08
CA MET A 17 -10.50 31.51 6.73
C MET A 17 -10.17 32.83 6.05
N ALA A 18 -10.29 33.93 6.80
CA ALA A 18 -9.99 35.25 6.24
C ALA A 18 -8.51 35.39 5.88
N LYS A 19 -7.67 34.81 6.73
CA LYS A 19 -6.23 34.83 6.51
C LYS A 19 -5.87 33.98 5.30
N ALA A 20 -6.50 32.82 5.20
CA ALA A 20 -6.23 31.93 4.08
C ALA A 20 -6.60 32.63 2.78
N LYS A 21 -7.77 33.24 2.75
CA LYS A 21 -8.23 33.95 1.56
C LYS A 21 -7.23 35.04 1.18
N ARG A 22 -6.88 35.87 2.16
CA ARG A 22 -5.92 36.96 1.96
C ARG A 22 -4.59 36.47 1.37
N GLU A 23 -4.02 35.45 2.00
CA GLU A 23 -2.68 34.97 1.64
C GLU A 23 -2.67 34.27 0.27
N VAL A 24 -3.72 33.50 -0.01
CA VAL A 24 -3.81 32.86 -1.31
C VAL A 24 -3.93 33.92 -2.40
N SER A 25 -4.73 34.96 -2.16
CA SER A 25 -4.79 36.09 -3.10
C SER A 25 -3.41 36.73 -3.36
N GLU A 26 -2.64 36.92 -2.28
CA GLU A 26 -1.25 37.42 -2.40
C GLU A 26 -0.44 36.60 -3.40
N GLN A 27 -0.40 35.31 -3.09
CA GLN A 27 0.39 34.39 -3.88
C GLN A 27 -0.10 34.46 -5.34
N LEU A 28 -1.42 34.54 -5.51
CA LEU A 28 -1.99 34.57 -6.86
C LEU A 28 -1.54 35.77 -7.67
N LYS A 29 -1.34 36.91 -7.01
CA LYS A 29 -0.79 38.04 -7.74
C LYS A 29 0.62 37.74 -8.22
N LYS A 30 1.35 36.87 -7.52
CA LYS A 30 2.68 36.56 -8.10
C LYS A 30 2.75 35.55 -9.31
N VAL A 31 1.62 35.08 -9.84
CA VAL A 31 1.66 34.05 -10.89
C VAL A 31 0.93 34.40 -12.19
N ASP A 32 1.20 33.61 -13.24
CA ASP A 32 0.51 33.72 -14.53
C ASP A 32 -0.71 32.82 -14.64
N VAL A 33 -0.60 31.66 -13.99
CA VAL A 33 -1.63 30.64 -14.10
C VAL A 33 -1.81 29.94 -12.75
N VAL A 34 -3.05 29.59 -12.43
CA VAL A 34 -3.32 28.87 -11.19
C VAL A 34 -3.74 27.43 -11.52
N PHE A 35 -3.20 26.47 -10.77
CA PHE A 35 -3.64 25.09 -10.87
C PHE A 35 -4.62 24.85 -9.71
N GLU A 36 -5.92 24.81 -10.02
CA GLU A 36 -6.92 24.45 -9.01
C GLU A 36 -6.99 22.94 -8.95
N LEU A 37 -6.52 22.36 -7.84
CA LEU A 37 -6.49 20.91 -7.71
C LEU A 37 -7.77 20.42 -7.05
N VAL A 38 -8.50 19.52 -7.72
CA VAL A 38 -9.73 18.95 -7.17
C VAL A 38 -9.59 17.43 -7.09
N ASP A 39 -10.46 16.79 -6.32
CA ASP A 39 -10.48 15.34 -6.23
C ASP A 39 -11.29 14.81 -7.42
N ALA A 40 -10.69 13.93 -8.23
CA ALA A 40 -11.40 13.35 -9.39
C ALA A 40 -12.64 12.57 -8.96
N ARG A 41 -12.66 12.06 -7.73
CA ARG A 41 -13.85 11.36 -7.22
C ARG A 41 -15.01 12.34 -6.97
N ILE A 42 -14.70 13.61 -6.71
CA ILE A 42 -15.74 14.65 -6.57
C ILE A 42 -15.23 16.00 -7.12
N PRO A 43 -15.16 16.12 -8.45
CA PRO A 43 -14.51 17.28 -9.06
C PRO A 43 -15.19 18.59 -8.70
N TYR A 44 -16.48 18.54 -8.40
CA TYR A 44 -17.22 19.75 -8.09
C TYR A 44 -17.32 19.98 -6.58
N SER A 45 -17.66 18.91 -5.85
CA SER A 45 -17.81 19.02 -4.40
C SER A 45 -16.49 19.22 -3.64
N SER A 46 -15.33 18.96 -4.26
CA SER A 46 -14.07 19.16 -3.56
C SER A 46 -13.49 20.55 -3.88
N ARG A 47 -14.32 21.43 -4.42
CA ARG A 47 -13.85 22.80 -4.67
C ARG A 47 -14.12 23.74 -3.48
N ASN A 48 -13.23 24.70 -3.24
CA ASN A 48 -13.52 25.75 -2.28
C ASN A 48 -14.70 26.58 -2.77
N PRO A 49 -15.68 26.85 -1.88
CA PRO A 49 -16.89 27.58 -2.28
C PRO A 49 -16.66 29.02 -2.79
N MET A 50 -15.52 29.64 -2.47
CA MET A 50 -15.25 30.97 -3.01
C MET A 50 -14.11 30.98 -4.02
N ILE A 51 -13.84 29.82 -4.62
CA ILE A 51 -12.64 29.67 -5.43
C ILE A 51 -12.61 30.71 -6.57
N ASP A 52 -13.75 30.97 -7.20
CA ASP A 52 -13.77 31.89 -8.33
C ASP A 52 -13.51 33.35 -7.94
N GLU A 53 -13.88 33.71 -6.71
CA GLU A 53 -13.63 35.07 -6.26
C GLU A 53 -12.15 35.22 -5.93
N VAL A 54 -11.57 34.18 -5.37
CA VAL A 54 -10.14 34.17 -5.05
C VAL A 54 -9.27 34.19 -6.32
N ILE A 55 -9.58 33.32 -7.28
CA ILE A 55 -8.80 33.23 -8.51
C ILE A 55 -9.03 34.44 -9.46
N ASN A 56 -10.24 34.99 -9.44
CA ASN A 56 -10.57 36.26 -10.12
C ASN A 56 -10.09 36.30 -11.58
N GLN A 57 -10.53 35.33 -12.37
CA GLN A 57 -10.27 35.29 -13.82
C GLN A 57 -8.82 35.02 -14.21
N LYS A 58 -7.97 34.70 -13.23
CA LYS A 58 -6.63 34.22 -13.54
C LYS A 58 -6.74 32.97 -14.43
N PRO A 59 -5.88 32.85 -15.46
CA PRO A 59 -5.88 31.64 -16.27
C PRO A 59 -5.78 30.40 -15.40
N ARG A 60 -6.59 29.39 -15.70
CA ARG A 60 -6.74 28.30 -14.77
C ARG A 60 -6.62 26.93 -15.41
N VAL A 61 -5.77 26.12 -14.82
CA VAL A 61 -5.73 24.70 -15.15
C VAL A 61 -6.47 23.99 -14.01
N VAL A 62 -7.53 23.25 -14.33
CA VAL A 62 -8.20 22.47 -13.29
C VAL A 62 -7.64 21.05 -13.36
N ILE A 63 -6.95 20.65 -12.30
CA ILE A 63 -6.36 19.32 -12.22
C ILE A 63 -7.23 18.38 -11.38
N LEU A 64 -7.80 17.37 -12.03
CA LEU A 64 -8.55 16.31 -11.38
C LEU A 64 -7.57 15.24 -10.95
N ASN A 65 -7.17 15.28 -9.69
CA ASN A 65 -6.18 14.34 -9.17
C ASN A 65 -6.86 13.05 -8.63
N LYS A 66 -6.07 12.00 -8.41
CA LYS A 66 -6.56 10.69 -7.96
C LYS A 66 -7.49 10.07 -8.98
N LYS A 67 -7.13 10.24 -10.25
CA LYS A 67 -7.92 9.70 -11.34
C LYS A 67 -7.97 8.17 -11.24
N ASP A 68 -6.91 7.59 -10.67
CA ASP A 68 -6.85 6.15 -10.44
C ASP A 68 -7.99 5.63 -9.52
N MET A 69 -8.56 6.47 -8.68
CA MET A 69 -9.64 6.04 -7.81
C MET A 69 -11.04 6.46 -8.27
N SER A 70 -11.13 6.99 -9.47
CA SER A 70 -12.38 7.50 -9.98
C SER A 70 -12.87 6.84 -11.26
N ASN A 71 -14.02 7.28 -11.74
CA ASN A 71 -14.62 6.80 -12.93
C ASN A 71 -14.41 7.82 -14.06
N LEU A 72 -13.78 7.35 -15.13
CA LEU A 72 -13.44 8.19 -16.24
C LEU A 72 -14.56 8.83 -17.00
N ASN A 73 -15.61 8.09 -17.24
CA ASN A 73 -16.74 8.60 -17.95
C ASN A 73 -17.40 9.77 -17.22
N GLU A 74 -17.59 9.63 -15.92
CA GLU A 74 -18.14 10.68 -15.09
C GLU A 74 -17.21 11.88 -15.02
N MET A 75 -15.91 11.64 -14.94
CA MET A 75 -14.91 12.71 -14.90
C MET A 75 -14.95 13.54 -16.18
N SER A 76 -15.17 12.89 -17.30
CA SER A 76 -15.27 13.58 -18.57
C SER A 76 -16.44 14.54 -18.59
N LYS A 77 -17.55 14.19 -17.96
CA LYS A 77 -18.63 15.10 -17.86
C LYS A 77 -18.18 16.33 -17.10
N TRP A 78 -17.44 16.15 -16.01
CA TRP A 78 -16.96 17.32 -15.28
C TRP A 78 -15.93 18.13 -16.08
N GLU A 79 -15.06 17.44 -16.79
CA GLU A 79 -14.12 18.13 -17.67
C GLU A 79 -14.86 18.97 -18.70
N GLN A 80 -15.96 18.45 -19.25
CA GLN A 80 -16.74 19.25 -20.21
C GLN A 80 -17.21 20.50 -19.50
N PHE A 81 -17.71 20.33 -18.28
CA PHE A 81 -18.14 21.47 -17.47
C PHE A 81 -17.04 22.52 -17.29
N PHE A 82 -15.84 22.08 -16.89
CA PHE A 82 -14.72 23.01 -16.72
C PHE A 82 -14.32 23.68 -18.03
N ILE A 83 -14.41 22.92 -19.13
CA ILE A 83 -14.11 23.46 -20.45
C ILE A 83 -15.09 24.58 -20.77
N ASP A 84 -16.37 24.37 -20.45
CA ASP A 84 -17.39 25.36 -20.76
C ASP A 84 -17.22 26.64 -19.94
N LYS A 85 -16.56 26.55 -18.78
CA LYS A 85 -16.27 27.74 -17.96
C LYS A 85 -15.02 28.49 -18.43
N GLY A 86 -14.29 27.92 -19.38
CA GLY A 86 -13.09 28.57 -19.91
C GLY A 86 -11.83 28.14 -19.19
N TYR A 87 -11.88 26.99 -18.51
CA TYR A 87 -10.71 26.45 -17.82
C TYR A 87 -10.08 25.34 -18.65
N TYR A 88 -8.88 24.90 -18.24
CA TYR A 88 -8.19 23.84 -18.95
C TYR A 88 -8.09 22.63 -18.05
N PRO A 89 -9.04 21.68 -18.17
CA PRO A 89 -8.99 20.54 -17.25
C PRO A 89 -8.05 19.44 -17.70
N VAL A 90 -7.32 18.85 -16.74
CA VAL A 90 -6.49 17.67 -16.97
C VAL A 90 -6.65 16.70 -15.79
N SER A 91 -6.52 15.40 -16.02
CA SER A 91 -6.60 14.45 -14.93
C SER A 91 -5.27 13.78 -14.74
N VAL A 92 -4.86 13.60 -13.49
CA VAL A 92 -3.60 12.95 -13.20
C VAL A 92 -3.72 11.99 -12.02
N ASP A 93 -2.70 11.15 -11.89
CA ASP A 93 -2.46 10.36 -10.68
C ASP A 93 -1.18 10.89 -10.04
N ALA A 94 -1.30 11.79 -9.08
CA ALA A 94 -0.13 12.44 -8.52
C ALA A 94 0.74 11.42 -7.78
N LYS A 95 0.11 10.41 -7.22
CA LYS A 95 0.85 9.46 -6.37
C LYS A 95 1.71 8.48 -7.19
N HIS A 96 1.12 7.88 -8.22
CA HIS A 96 1.82 6.85 -8.99
C HIS A 96 2.40 7.42 -10.29
N GLY A 97 2.35 8.73 -10.44
CA GLY A 97 3.20 9.42 -11.39
C GLY A 97 2.66 9.29 -12.80
N LYS A 98 1.34 9.19 -12.91
CA LYS A 98 0.71 9.00 -14.21
C LYS A 98 0.13 10.30 -14.82
N ASN A 99 0.68 10.65 -15.99
CA ASN A 99 0.20 11.70 -16.89
C ASN A 99 0.68 13.12 -16.56
N LEU A 100 1.85 13.26 -15.93
CA LEU A 100 2.23 14.55 -15.32
C LEU A 100 2.70 15.63 -16.29
N LYS A 101 3.29 15.24 -17.42
CA LYS A 101 3.78 16.23 -18.38
C LYS A 101 2.62 17.06 -18.95
N LYS A 102 1.40 16.54 -18.82
CA LYS A 102 0.24 17.24 -19.32
C LYS A 102 -0.08 18.49 -18.48
N VAL A 103 0.52 18.59 -17.30
CA VAL A 103 0.31 19.77 -16.49
C VAL A 103 0.96 20.99 -17.16
N GLU A 104 2.26 20.91 -17.41
CA GLU A 104 2.96 21.99 -18.10
C GLU A 104 2.28 22.34 -19.44
N ALA A 105 1.92 21.31 -20.19
CA ALA A 105 1.24 21.51 -21.47
C ALA A 105 -0.02 22.33 -21.27
N ALA A 106 -0.80 21.98 -20.24
CA ALA A 106 -2.04 22.72 -20.01
C ALA A 106 -1.73 24.16 -19.62
N ALA A 107 -0.70 24.33 -18.78
CA ALA A 107 -0.31 25.66 -18.36
C ALA A 107 0.04 26.48 -19.60
N ILE A 108 0.76 25.84 -20.53
CA ILE A 108 1.16 26.55 -21.75
C ILE A 108 -0.08 27.00 -22.53
N LYS A 109 -1.07 26.14 -22.65
CA LYS A 109 -2.24 26.55 -23.43
C LYS A 109 -3.01 27.65 -22.69
N ALA A 110 -3.04 27.57 -21.36
CA ALA A 110 -3.89 28.46 -20.58
C ALA A 110 -3.41 29.90 -20.65
N THR A 111 -2.10 30.07 -20.83
CA THR A 111 -1.46 31.37 -20.87
C THR A 111 -1.03 31.82 -22.27
N ALA A 112 -1.49 31.11 -23.28
CA ALA A 112 -1.04 31.36 -24.65
C ALA A 112 -1.38 32.78 -25.12
N GLU A 113 -2.56 33.25 -24.74
CA GLU A 113 -3.00 34.55 -25.24
C GLU A 113 -2.25 35.69 -24.53
N LYS A 114 -2.02 35.51 -23.23
CA LYS A 114 -1.26 36.49 -22.47
C LYS A 114 0.13 36.67 -23.08
N PHE A 115 0.80 35.56 -23.36
CA PHE A 115 2.18 35.63 -23.85
C PHE A 115 2.27 36.04 -25.33
N GLU A 116 1.25 35.73 -26.12
CA GLU A 116 1.13 36.37 -27.46
C GLU A 116 1.09 37.89 -27.35
N ARG A 117 0.24 38.41 -26.47
CA ARG A 117 0.17 39.87 -26.33
C ARG A 117 1.46 40.44 -25.77
N GLU A 118 2.14 39.70 -24.90
CA GLU A 118 3.45 40.16 -24.42
C GLU A 118 4.50 40.20 -25.53
N LYS A 119 4.48 39.23 -26.43
CA LYS A 119 5.42 39.21 -27.54
C LYS A 119 5.13 40.36 -28.52
N ALA A 120 3.85 40.70 -28.66
CA ALA A 120 3.45 41.84 -29.47
C ALA A 120 3.91 43.20 -28.90
N LYS A 121 3.94 43.31 -27.58
CA LYS A 121 4.37 44.56 -26.92
C LYS A 121 5.88 44.65 -26.73
N GLY A 122 6.61 43.68 -27.29
CA GLY A 122 8.06 43.73 -27.30
C GLY A 122 8.77 43.17 -26.08
N LEU A 123 8.11 42.27 -25.35
CA LEU A 123 8.73 41.62 -24.21
C LEU A 123 9.41 40.30 -24.59
N LYS A 124 10.50 39.99 -23.89
CA LYS A 124 11.21 38.72 -24.04
C LYS A 124 10.36 37.54 -23.55
N PRO A 125 10.43 36.40 -24.26
CA PRO A 125 9.80 35.19 -23.72
C PRO A 125 10.37 34.79 -22.35
N ARG A 126 9.58 34.08 -21.54
CA ARG A 126 9.98 33.78 -20.18
C ARG A 126 9.22 32.59 -19.60
N ALA A 127 9.76 32.02 -18.53
CA ALA A 127 9.11 30.90 -17.86
C ALA A 127 7.73 31.27 -17.33
N ILE A 128 6.80 30.34 -17.45
CA ILE A 128 5.48 30.53 -16.89
C ILE A 128 5.53 30.33 -15.37
N ARG A 129 4.94 31.28 -14.63
CA ARG A 129 4.82 31.12 -13.18
C ARG A 129 3.44 30.59 -12.77
N ALA A 130 3.46 29.55 -11.94
CA ALA A 130 2.24 28.86 -11.53
C ALA A 130 2.22 28.61 -10.03
N MET A 131 1.01 28.43 -9.49
CA MET A 131 0.85 27.87 -8.16
C MET A 131 -0.36 26.93 -8.11
N ILE A 132 -0.32 26.04 -7.13
CA ILE A 132 -1.38 25.08 -6.88
C ILE A 132 -2.24 25.57 -5.72
N VAL A 133 -3.56 25.48 -5.89
CA VAL A 133 -4.50 25.88 -4.85
C VAL A 133 -5.58 24.80 -4.73
N GLY A 134 -6.11 24.59 -3.53
CA GLY A 134 -7.21 23.66 -3.33
C GLY A 134 -7.45 23.36 -1.85
N ILE A 135 -8.49 22.58 -1.56
CA ILE A 135 -8.83 22.22 -0.19
C ILE A 135 -7.86 21.17 0.35
N PRO A 136 -7.88 20.92 1.68
CA PRO A 136 -6.94 19.92 2.20
C PRO A 136 -7.15 18.50 1.66
N ASN A 137 -6.05 17.76 1.51
CA ASN A 137 -6.04 16.33 1.17
C ASN A 137 -6.40 15.96 -0.27
N VAL A 138 -6.47 16.93 -1.18
CA VAL A 138 -6.72 16.59 -2.57
C VAL A 138 -5.44 16.14 -3.27
N GLY A 139 -4.30 16.34 -2.61
CA GLY A 139 -3.04 15.85 -3.14
C GLY A 139 -2.08 16.94 -3.59
N LYS A 140 -2.20 18.11 -2.99
CA LYS A 140 -1.40 19.25 -3.41
C LYS A 140 0.09 19.03 -3.19
N SER A 141 0.46 18.59 -2.00
CA SER A 141 1.87 18.44 -1.68
C SER A 141 2.47 17.20 -2.37
N THR A 142 1.67 16.15 -2.51
CA THR A 142 2.04 15.02 -3.37
C THR A 142 2.36 15.48 -4.81
N LEU A 143 1.48 16.29 -5.39
CA LEU A 143 1.67 16.77 -6.76
C LEU A 143 2.94 17.62 -6.87
N ILE A 144 3.12 18.54 -5.93
CA ILE A 144 4.30 19.40 -5.92
C ILE A 144 5.58 18.56 -5.84
N ASN A 145 5.61 17.62 -4.90
CA ASN A 145 6.76 16.75 -4.76
C ASN A 145 7.05 15.97 -6.02
N LYS A 146 6.02 15.41 -6.65
CA LYS A 146 6.26 14.64 -7.87
C LYS A 146 6.75 15.52 -9.02
N LEU A 147 6.20 16.72 -9.19
CA LEU A 147 6.69 17.61 -10.24
C LEU A 147 8.11 18.09 -9.97
N ALA A 148 8.50 18.18 -8.70
CA ALA A 148 9.86 18.61 -8.34
C ALA A 148 10.85 17.46 -8.42
N LYS A 149 10.34 16.24 -8.38
CA LYS A 149 11.15 15.02 -8.30
C LYS A 149 12.01 15.02 -7.04
N ARG A 150 11.45 15.49 -5.93
CA ARG A 150 12.17 15.66 -4.66
C ARG A 150 11.12 15.92 -3.60
N SER A 151 11.42 15.55 -2.34
CA SER A 151 10.56 15.92 -1.21
C SER A 151 10.77 17.37 -0.84
N ILE A 152 9.70 18.16 -0.86
CA ILE A 152 9.76 19.56 -0.45
C ILE A 152 9.31 19.75 1.00
N GLY A 156 11.73 25.10 7.46
CA GLY A 156 13.06 25.20 8.05
C GLY A 156 13.19 23.94 8.86
N ASN A 157 14.33 23.25 8.79
CA ASN A 157 14.32 21.93 9.37
C ASN A 157 15.03 22.01 10.75
N LYS A 158 15.78 23.09 11.02
CA LYS A 158 16.12 23.39 12.41
C LYS A 158 14.85 23.88 13.08
N PRO A 159 14.52 23.35 14.25
CA PRO A 159 13.38 23.84 15.02
C PRO A 159 13.48 25.36 15.22
N GLY A 160 12.36 26.03 14.96
CA GLY A 160 12.27 27.47 15.09
C GLY A 160 12.75 28.29 13.91
N VAL A 161 13.18 27.62 12.83
CA VAL A 161 13.64 28.33 11.64
C VAL A 161 12.63 28.23 10.51
N THR A 162 12.23 29.36 9.94
CA THR A 162 11.16 29.33 8.93
C THR A 162 11.58 29.26 7.44
N LYS A 163 11.23 28.16 6.79
CA LYS A 163 11.27 27.99 5.33
C LYS A 163 10.67 29.15 4.55
N GLN A 164 11.44 29.73 3.63
CA GLN A 164 10.85 30.71 2.72
C GLN A 164 10.28 30.04 1.46
N GLN A 165 9.21 30.61 0.90
CA GLN A 165 8.62 30.08 -0.34
C GLN A 165 9.58 30.16 -1.51
N GLN A 166 9.66 29.10 -2.31
CA GLN A 166 10.61 29.08 -3.43
C GLN A 166 9.96 28.60 -4.73
N TRP A 167 10.61 28.92 -5.85
CA TRP A 167 10.18 28.44 -7.15
C TRP A 167 10.88 27.15 -7.55
N ILE A 168 10.11 26.22 -8.08
CA ILE A 168 10.59 24.95 -8.59
C ILE A 168 10.55 25.00 -10.11
N LYS A 169 11.69 24.73 -10.75
CA LYS A 169 11.68 24.59 -12.19
C LYS A 169 11.01 23.27 -12.56
N VAL A 170 9.98 23.35 -13.39
CA VAL A 170 9.27 22.19 -13.89
C VAL A 170 9.23 22.27 -15.41
N GLY A 171 9.67 21.18 -16.02
CA GLY A 171 9.86 21.10 -17.45
C GLY A 171 10.79 22.21 -17.92
N ASN A 172 10.52 22.73 -19.10
CA ASN A 172 11.32 23.81 -19.67
C ASN A 172 10.69 25.17 -19.45
N ALA A 173 9.37 25.18 -19.37
CA ALA A 173 8.62 26.42 -19.48
C ALA A 173 7.93 26.82 -18.20
N LEU A 174 8.05 26.01 -17.14
CA LEU A 174 7.20 26.26 -15.97
C LEU A 174 7.98 26.51 -14.67
N GLN A 175 7.67 27.60 -13.98
CA GLN A 175 8.11 27.79 -12.60
C GLN A 175 6.93 27.65 -11.62
N LEU A 176 7.03 26.68 -10.71
CA LEU A 176 5.96 26.38 -9.77
C LEU A 176 6.29 26.76 -8.33
N LEU A 177 5.47 27.60 -7.73
CA LEU A 177 5.65 27.94 -6.32
C LEU A 177 5.60 26.65 -5.49
N ASP A 178 6.60 26.45 -4.61
CA ASP A 178 6.73 25.18 -3.90
C ASP A 178 5.76 25.04 -2.73
N THR A 179 4.90 26.03 -2.56
CA THR A 179 3.95 26.07 -1.45
C THR A 179 2.52 26.27 -1.96
N PRO A 180 1.62 25.34 -1.62
CA PRO A 180 0.26 25.39 -2.14
C PRO A 180 -0.58 26.45 -1.43
N GLY A 181 -1.62 26.94 -2.08
CA GLY A 181 -2.58 27.78 -1.39
C GLY A 181 -3.63 26.85 -0.81
N ILE A 182 -3.88 26.93 0.48
CA ILE A 182 -4.83 26.00 1.08
C ILE A 182 -6.12 26.73 1.40
N LEU A 183 -7.22 26.26 0.83
CA LEU A 183 -8.51 26.88 1.06
C LEU A 183 -9.45 25.89 1.73
N TRP A 184 -10.58 26.36 2.25
CA TRP A 184 -11.48 25.50 3.02
C TRP A 184 -12.49 24.80 2.12
N PRO A 185 -12.93 23.61 2.55
CA PRO A 185 -13.96 22.89 1.79
C PRO A 185 -15.33 23.53 1.99
N LYS A 186 -16.30 23.08 1.20
CA LYS A 186 -17.70 23.47 1.36
C LYS A 186 -18.22 22.95 2.71
N PHE A 187 -18.87 23.81 3.46
CA PHE A 187 -19.34 23.45 4.79
C PHE A 187 -20.83 23.40 4.84
N GLU A 188 -21.44 24.24 3.99
CA GLU A 188 -22.86 24.58 4.07
C GLU A 188 -23.84 23.43 3.81
N ASP A 189 -23.43 22.40 3.08
CA ASP A 189 -24.42 21.43 2.57
C ASP A 189 -24.15 20.01 3.06
N GLU A 190 -25.16 19.35 3.63
CA GLU A 190 -24.91 18.09 4.30
C GLU A 190 -24.57 16.95 3.32
N GLU A 191 -25.19 16.94 2.14
CA GLU A 191 -24.79 15.96 1.12
C GLU A 191 -23.34 16.16 0.67
N VAL A 192 -22.92 17.42 0.50
CA VAL A 192 -21.52 17.70 0.19
C VAL A 192 -20.68 17.22 1.37
N GLY A 193 -21.20 17.39 2.57
CA GLY A 193 -20.52 16.86 3.76
C GLY A 193 -20.28 15.37 3.69
N LYS A 194 -21.30 14.64 3.25
CA LYS A 194 -21.20 13.19 3.14
C LYS A 194 -20.20 12.81 2.04
N LYS A 195 -20.27 13.52 0.92
CA LYS A 195 -19.29 13.30 -0.15
C LYS A 195 -17.85 13.51 0.34
N LEU A 196 -17.60 14.62 1.04
CA LEU A 196 -16.26 14.92 1.55
C LEU A 196 -15.81 13.88 2.55
N SER A 197 -16.73 13.40 3.37
CA SER A 197 -16.38 12.38 4.34
C SER A 197 -16.07 11.03 3.65
N LEU A 198 -16.82 10.70 2.60
CA LEU A 198 -16.62 9.44 1.88
C LEU A 198 -15.29 9.37 1.15
N THR A 199 -14.76 10.54 0.80
CA THR A 199 -13.47 10.61 0.12
C THR A 199 -12.33 10.89 1.09
N GLY A 200 -12.66 11.09 2.36
CA GLY A 200 -11.64 11.39 3.36
C GLY A 200 -11.05 12.80 3.32
N ALA A 201 -11.72 13.71 2.61
CA ALA A 201 -11.32 15.11 2.59
C ALA A 201 -11.48 15.73 3.97
N ILE A 202 -12.58 15.36 4.62
CA ILE A 202 -12.88 15.75 5.99
C ILE A 202 -13.02 14.41 6.76
N LYS A 203 -12.20 14.18 7.78
CA LYS A 203 -12.23 12.91 8.51
C LYS A 203 -13.23 13.00 9.66
N ASP A 204 -13.18 14.11 10.37
CA ASP A 204 -14.13 14.38 11.45
C ASP A 204 -14.67 15.76 11.18
N SER A 205 -15.95 15.98 11.52
CA SER A 205 -16.66 17.21 11.20
C SER A 205 -18.12 17.10 11.60
N ILE A 206 -18.39 16.35 12.67
CA ILE A 206 -19.74 16.08 13.21
C ILE A 206 -20.70 15.83 12.03
N VAL A 207 -20.16 15.12 11.04
CA VAL A 207 -20.94 14.43 10.04
C VAL A 207 -21.11 13.00 10.56
N HIS A 208 -22.33 12.65 10.96
CA HIS A 208 -22.55 11.37 11.64
C HIS A 208 -22.11 10.22 10.75
N LEU A 209 -21.20 9.39 11.26
CA LEU A 209 -20.57 8.36 10.44
C LEU A 209 -21.57 7.37 9.89
N ASP A 210 -22.60 7.07 10.66
CA ASP A 210 -23.61 6.10 10.23
C ASP A 210 -24.33 6.64 9.01
N GLU A 211 -24.64 7.94 9.00
CA GLU A 211 -25.31 8.55 7.84
C GLU A 211 -24.39 8.60 6.62
N VAL A 212 -23.09 8.79 6.86
CA VAL A 212 -22.12 8.79 5.77
C VAL A 212 -22.09 7.42 5.13
N ALA A 213 -22.00 6.39 5.98
CA ALA A 213 -22.03 5.00 5.55
C ALA A 213 -23.35 4.61 4.82
N ILE A 214 -24.48 5.09 5.32
CA ILE A 214 -25.77 4.87 4.64
C ILE A 214 -25.76 5.52 3.26
N TYR A 215 -25.28 6.77 3.19
CA TYR A 215 -25.15 7.47 1.92
C TYR A 215 -24.27 6.69 0.92
N GLY A 216 -23.11 6.23 1.38
CA GLY A 216 -22.21 5.45 0.55
C GLY A 216 -22.83 4.16 0.04
N LEU A 217 -23.45 3.42 0.94
CA LEU A 217 -24.14 2.19 0.56
C LEU A 217 -25.24 2.44 -0.45
N ASN A 218 -26.05 3.47 -0.23
CA ASN A 218 -27.10 3.77 -1.20
C ASN A 218 -26.51 4.18 -2.54
N PHE A 219 -25.38 4.89 -2.50
CA PHE A 219 -24.70 5.23 -3.75
C PHE A 219 -24.34 3.95 -4.51
N LEU A 220 -23.69 3.03 -3.81
CA LEU A 220 -23.29 1.79 -4.44
C LEU A 220 -24.49 0.92 -4.89
N ILE A 221 -25.55 0.88 -4.08
CA ILE A 221 -26.75 0.13 -4.43
C ILE A 221 -27.32 0.67 -5.74
N GLN A 222 -27.38 2.00 -5.86
CA GLN A 222 -27.89 2.65 -7.05
C GLN A 222 -26.97 2.53 -8.27
N ASN A 223 -25.65 2.57 -8.06
CA ASN A 223 -24.74 2.64 -9.20
C ASN A 223 -23.92 1.38 -9.51
N ASP A 224 -23.69 0.53 -8.53
CA ASP A 224 -22.84 -0.63 -8.77
C ASP A 224 -23.16 -1.82 -7.87
N LEU A 225 -24.43 -2.19 -7.86
CA LEU A 225 -24.97 -3.21 -6.97
C LEU A 225 -24.24 -4.55 -7.05
N ALA A 226 -23.98 -5.00 -8.27
CA ALA A 226 -23.31 -6.30 -8.46
C ALA A 226 -21.94 -6.29 -7.77
N ARG A 227 -21.23 -5.17 -7.91
CA ARG A 227 -19.91 -5.02 -7.31
C ARG A 227 -19.93 -4.99 -5.79
N LEU A 228 -20.89 -4.27 -5.22
CA LEU A 228 -21.06 -4.24 -3.77
C LEU A 228 -21.26 -5.66 -3.24
N LYS A 229 -22.17 -6.37 -3.92
CA LYS A 229 -22.50 -7.75 -3.55
C LYS A 229 -21.31 -8.67 -3.66
N SER A 230 -20.59 -8.62 -4.78
CA SER A 230 -19.46 -9.52 -5.01
C SER A 230 -18.30 -9.19 -4.07
N HIS A 231 -18.11 -7.91 -3.79
CA HIS A 231 -17.05 -7.54 -2.88
C HIS A 231 -17.24 -8.09 -1.48
N TYR A 232 -18.44 -7.92 -0.93
CA TYR A 232 -18.64 -8.48 0.40
C TYR A 232 -19.18 -9.92 0.30
N ASN A 233 -19.48 -10.35 -0.93
CA ASN A 233 -20.03 -11.69 -1.19
C ASN A 233 -21.23 -12.00 -0.29
N ILE A 234 -22.19 -11.11 -0.44
CA ILE A 234 -23.47 -11.08 0.27
C ILE A 234 -24.57 -10.98 -0.77
N GLU A 235 -25.78 -11.38 -0.40
CA GLU A 235 -26.98 -11.20 -1.22
C GLU A 235 -28.10 -10.66 -0.31
N VAL A 236 -28.80 -9.62 -0.75
CA VAL A 236 -29.73 -8.89 0.10
C VAL A 236 -31.05 -8.65 -0.63
N PRO A 237 -32.19 -8.89 0.06
CA PRO A 237 -33.49 -8.63 -0.57
C PRO A 237 -33.59 -7.20 -1.11
N GLU A 238 -34.14 -7.04 -2.31
CA GLU A 238 -34.21 -5.72 -2.92
C GLU A 238 -35.19 -4.80 -2.20
N ASP A 239 -36.18 -5.37 -1.54
CA ASP A 239 -37.12 -4.53 -0.80
C ASP A 239 -36.71 -4.37 0.67
N ALA A 240 -35.51 -4.82 1.02
CA ALA A 240 -35.03 -4.62 2.39
C ALA A 240 -34.66 -3.15 2.61
N GLU A 241 -34.72 -2.74 3.87
CA GLU A 241 -34.30 -1.41 4.29
C GLU A 241 -32.80 -1.44 4.50
N ILE A 242 -32.16 -0.26 4.54
CA ILE A 242 -30.69 -0.18 4.48
C ILE A 242 -30.02 -0.94 5.63
N ILE A 243 -30.72 -1.06 6.76
CA ILE A 243 -30.18 -1.78 7.90
C ILE A 243 -29.82 -3.25 7.57
N ALA A 244 -30.59 -3.89 6.69
CA ALA A 244 -30.32 -5.26 6.26
C ALA A 244 -28.96 -5.40 5.58
N TRP A 245 -28.49 -4.31 4.98
CA TRP A 245 -27.18 -4.33 4.34
C TRP A 245 -26.08 -4.34 5.39
N PHE A 246 -26.24 -3.50 6.42
CA PHE A 246 -25.30 -3.49 7.54
C PHE A 246 -25.24 -4.85 8.19
N ASP A 247 -26.42 -5.44 8.35
CA ASP A 247 -26.56 -6.76 8.96
C ASP A 247 -25.89 -7.85 8.12
N ALA A 248 -26.12 -7.82 6.81
CA ALA A 248 -25.55 -8.82 5.92
C ALA A 248 -24.03 -8.74 5.91
N ILE A 249 -23.51 -7.51 5.82
CA ILE A 249 -22.06 -7.34 5.87
C ILE A 249 -21.49 -7.79 7.22
N GLY A 250 -22.09 -7.32 8.31
CA GLY A 250 -21.65 -7.71 9.64
C GLY A 250 -21.63 -9.22 9.82
N LYS A 251 -22.71 -9.87 9.38
CA LYS A 251 -22.84 -11.32 9.56
C LYS A 251 -21.80 -12.05 8.72
N LYS A 252 -21.62 -11.63 7.47
CA LYS A 252 -20.62 -12.27 6.61
C LYS A 252 -19.18 -12.06 7.13
N ARG A 253 -18.90 -10.88 7.67
CA ARG A 253 -17.56 -10.58 8.18
C ARG A 253 -17.35 -11.02 9.63
N GLY A 254 -18.39 -11.54 10.27
CA GLY A 254 -18.28 -11.96 11.65
C GLY A 254 -18.09 -10.80 12.61
N LEU A 255 -18.48 -9.61 12.18
CA LEU A 255 -18.40 -8.43 13.04
C LEU A 255 -19.60 -8.47 13.97
N ILE A 256 -19.47 -9.27 15.02
CA ILE A 256 -20.53 -9.47 15.99
C ILE A 256 -20.08 -9.19 17.42
N ARG A 257 -21.05 -9.11 18.32
CA ARG A 257 -20.80 -8.86 19.74
C ARG A 257 -21.98 -9.40 20.53
N ARG A 258 -21.75 -9.73 21.80
CA ARG A 258 -22.86 -10.14 22.67
C ARG A 258 -23.65 -11.33 22.14
N GLY A 259 -22.98 -12.46 21.91
CA GLY A 259 -23.62 -13.62 21.35
C GLY A 259 -23.61 -13.53 19.84
N ASN A 260 -24.65 -12.93 19.27
CA ASN A 260 -24.71 -12.73 17.82
C ASN A 260 -25.49 -11.48 17.41
N GLU A 261 -25.29 -10.41 18.17
CA GLU A 261 -25.71 -9.07 17.79
C GLU A 261 -24.70 -8.47 16.80
N ILE A 262 -25.13 -7.57 15.92
CA ILE A 262 -24.22 -6.97 14.95
C ILE A 262 -23.45 -5.80 15.57
N ASP A 263 -22.14 -5.77 15.38
CA ASP A 263 -21.31 -4.63 15.81
C ASP A 263 -21.38 -3.54 14.75
N TYR A 264 -22.38 -2.66 14.86
CA TYR A 264 -22.62 -1.63 13.84
C TYR A 264 -21.49 -0.60 13.70
N GLU A 265 -20.85 -0.24 14.81
CA GLU A 265 -19.73 0.69 14.76
C GLU A 265 -18.61 0.13 13.86
N ALA A 266 -18.40 -1.18 13.95
CA ALA A 266 -17.38 -1.85 13.16
C ALA A 266 -17.78 -1.96 11.68
N VAL A 267 -19.04 -2.27 11.43
CA VAL A 267 -19.55 -2.35 10.06
C VAL A 267 -19.44 -0.99 9.40
N ILE A 268 -19.87 0.04 10.11
CA ILE A 268 -19.77 1.41 9.63
C ILE A 268 -18.32 1.74 9.28
N GLU A 269 -17.41 1.43 10.21
CA GLU A 269 -16.00 1.77 9.93
C GLU A 269 -15.43 1.01 8.72
N LEU A 270 -15.79 -0.26 8.57
CA LEU A 270 -15.36 -1.02 7.41
C LEU A 270 -15.88 -0.44 6.09
N ILE A 271 -17.17 -0.07 6.07
CA ILE A 271 -17.77 0.48 4.85
C ILE A 271 -17.09 1.80 4.48
N ILE A 272 -16.85 2.64 5.48
CA ILE A 272 -16.27 3.95 5.25
C ILE A 272 -14.84 3.78 4.71
N TYR A 273 -14.07 2.93 5.37
CA TYR A 273 -12.71 2.61 4.93
C TYR A 273 -12.67 2.13 3.47
N ASP A 274 -13.55 1.17 3.14
CA ASP A 274 -13.58 0.57 1.81
C ASP A 274 -13.97 1.57 0.73
N ILE A 275 -14.88 2.48 1.07
CA ILE A 275 -15.24 3.49 0.09
C ILE A 275 -14.13 4.54 -0.06
N ARG A 276 -13.60 5.05 1.06
CA ARG A 276 -12.50 6.02 1.06
C ARG A 276 -11.29 5.52 0.29
N ASN A 277 -10.96 4.25 0.47
CA ASN A 277 -9.74 3.72 -0.13
C ASN A 277 -9.98 2.89 -1.38
N ALA A 278 -11.15 3.08 -1.99
CA ALA A 278 -11.47 2.45 -3.27
C ALA A 278 -11.27 0.93 -3.25
N LYS A 279 -11.59 0.29 -2.13
CA LYS A 279 -11.47 -1.15 -2.07
C LYS A 279 -12.56 -1.87 -2.84
N ILE A 280 -13.66 -1.18 -3.11
CA ILE A 280 -14.81 -1.81 -3.76
C ILE A 280 -14.80 -1.52 -5.24
N GLY A 281 -14.53 -0.27 -5.60
CA GLY A 281 -14.40 0.12 -6.99
C GLY A 281 -13.91 1.56 -7.13
N ASN A 282 -13.85 2.04 -8.36
CA ASN A 282 -13.39 3.40 -8.62
C ASN A 282 -14.56 4.26 -9.05
N TYR A 283 -15.01 5.11 -8.14
CA TYR A 283 -16.26 5.83 -8.37
C TYR A 283 -16.07 7.31 -8.39
N CYS A 284 -16.90 7.98 -9.17
CA CYS A 284 -17.07 9.41 -9.04
C CYS A 284 -18.43 9.70 -8.38
N PHE A 285 -18.42 10.30 -7.19
CA PHE A 285 -19.65 10.50 -6.43
C PHE A 285 -20.39 11.77 -6.80
N ASP A 286 -19.74 12.65 -7.58
CA ASP A 286 -20.46 13.80 -8.12
C ASP A 286 -21.11 13.35 -9.43
N ILE A 287 -22.39 13.01 -9.39
CA ILE A 287 -23.07 12.55 -10.61
C ILE A 287 -23.61 13.76 -11.34
N PHE A 288 -22.99 14.10 -12.47
CA PHE A 288 -23.29 15.35 -13.13
C PHE A 288 -24.80 15.55 -13.39
N LYS A 289 -25.46 14.56 -13.99
CA LYS A 289 -26.87 14.72 -14.34
C LYS A 289 -27.80 14.80 -13.12
N ASP A 290 -27.33 14.38 -11.95
CA ASP A 290 -28.08 14.58 -10.70
C ASP A 290 -27.80 15.93 -10.04
N MET A 291 -26.85 16.70 -10.55
CA MET A 291 -26.49 17.90 -9.78
C MET A 291 -26.92 19.18 -10.44
N THR A 292 -27.89 19.05 -11.34
CA THR A 292 -28.36 20.15 -12.17
C THR A 292 -28.85 21.33 -11.34
N GLU A 293 -29.64 21.06 -10.31
CA GLU A 293 -30.19 22.16 -9.51
C GLU A 293 -29.08 22.88 -8.74
N GLU A 294 -28.18 22.11 -8.13
CA GLU A 294 -27.05 22.68 -7.43
C GLU A 294 -26.19 23.56 -8.36
N LEU A 295 -25.92 23.07 -9.57
CA LEU A 295 -25.16 23.84 -10.53
C LEU A 295 -25.89 25.13 -10.88
N ALA A 296 -27.23 25.05 -11.00
CA ALA A 296 -28.04 26.22 -11.32
C ALA A 296 -27.97 27.27 -10.20
N ASN A 297 -27.98 26.82 -8.95
CA ASN A 297 -27.83 27.70 -7.80
C ASN A 297 -26.50 28.39 -7.76
N ASP A 298 -25.44 27.67 -8.05
CA ASP A 298 -24.13 28.23 -7.99
C ASP A 298 -23.82 29.16 -9.14
N ALA A 299 -24.45 28.96 -10.28
CA ALA A 299 -24.23 29.80 -11.42
C ALA A 299 -25.00 31.10 -11.34
N ASN A 300 -24.33 32.16 -11.83
CA ASN A 300 -24.68 33.61 -12.00
C ASN A 300 -23.41 34.41 -11.87
N VAL B 9 16.48 -15.01 18.45
CA VAL B 9 15.15 -14.58 18.87
C VAL B 9 15.11 -13.06 19.05
N ILE B 10 14.08 -12.41 18.54
CA ILE B 10 13.97 -10.96 18.64
C ILE B 10 12.73 -10.52 19.42
N GLN B 11 12.94 -9.60 20.36
CA GLN B 11 11.84 -9.01 21.09
C GLN B 11 11.34 -7.73 20.46
N TRP B 12 10.14 -7.78 19.90
CA TRP B 12 9.55 -6.60 19.30
C TRP B 12 8.76 -5.88 20.37
N TYR B 13 8.89 -4.56 20.36
CA TYR B 13 8.13 -3.66 21.20
C TYR B 13 8.27 -2.35 20.45
N PRO B 14 7.33 -1.42 20.66
CA PRO B 14 7.23 -0.22 19.81
C PRO B 14 8.56 0.46 19.52
N GLY B 15 9.39 0.67 20.54
CA GLY B 15 10.64 1.39 20.37
C GLY B 15 11.61 0.63 19.48
N HIS B 16 11.65 -0.68 19.68
CA HIS B 16 12.48 -1.56 18.86
C HIS B 16 12.02 -1.50 17.40
N MET B 17 10.70 -1.48 17.18
CA MET B 17 10.17 -1.35 15.82
C MET B 17 10.53 -0.02 15.15
N ALA B 18 10.43 1.07 15.91
CA ALA B 18 10.75 2.38 15.37
C ALA B 18 12.23 2.46 15.02
N LYS B 19 13.04 1.84 15.87
CA LYS B 19 14.49 1.80 15.66
C LYS B 19 14.84 0.98 14.44
N ALA B 20 14.17 -0.17 14.29
CA ALA B 20 14.39 -1.03 13.16
C ALA B 20 14.04 -0.32 11.85
N LYS B 21 12.87 0.31 11.82
CA LYS B 21 12.45 1.03 10.63
C LYS B 21 13.44 2.14 10.27
N ARG B 22 13.79 2.95 11.27
CA ARG B 22 14.73 4.04 11.05
C ARG B 22 16.06 3.50 10.48
N GLU B 23 16.62 2.47 11.13
CA GLU B 23 17.93 1.99 10.76
C GLU B 23 17.94 1.32 9.41
N VAL B 24 16.92 0.53 9.10
CA VAL B 24 16.87 -0.09 7.78
C VAL B 24 16.69 0.96 6.67
N SER B 25 15.82 1.95 6.87
CA SER B 25 15.68 3.02 5.88
C SER B 25 17.02 3.72 5.61
N GLU B 26 17.70 4.06 6.71
CA GLU B 26 19.04 4.62 6.64
C GLU B 26 20.00 3.73 5.84
N GLN B 27 20.07 2.44 6.15
CA GLN B 27 20.98 1.55 5.40
C GLN B 27 20.58 1.55 3.91
N LEU B 28 19.27 1.54 3.65
CA LEU B 28 18.75 1.50 2.27
C LEU B 28 19.21 2.67 1.45
N LYS B 29 19.44 3.80 2.11
CA LYS B 29 19.97 4.94 1.36
C LYS B 29 21.34 4.68 0.70
N LYS B 30 22.16 3.81 1.28
CA LYS B 30 23.46 3.45 0.71
C LYS B 30 23.48 2.42 -0.43
N VAL B 31 22.32 1.94 -0.89
CA VAL B 31 22.36 0.86 -1.87
C VAL B 31 21.64 1.20 -3.15
N ASP B 32 21.93 0.43 -4.21
CA ASP B 32 21.26 0.55 -5.49
C ASP B 32 20.07 -0.36 -5.59
N VAL B 33 20.16 -1.50 -4.92
CA VAL B 33 19.14 -2.53 -5.00
C VAL B 33 18.96 -3.20 -3.63
N VAL B 34 17.73 -3.58 -3.33
CA VAL B 34 17.45 -4.26 -2.07
C VAL B 34 17.02 -5.70 -2.37
N PHE B 35 17.56 -6.64 -1.61
CA PHE B 35 17.11 -8.03 -1.69
C PHE B 35 16.12 -8.26 -0.56
N GLU B 36 14.83 -8.34 -0.89
CA GLU B 36 13.83 -8.71 0.10
C GLU B 36 13.74 -10.23 0.21
N LEU B 37 14.19 -10.78 1.33
CA LEU B 37 14.23 -12.23 1.49
C LEU B 37 12.93 -12.70 2.15
N VAL B 38 12.22 -13.62 1.49
CA VAL B 38 11.00 -14.20 2.04
C VAL B 38 11.13 -15.72 2.13
N ASP B 39 10.24 -16.33 2.90
CA ASP B 39 10.21 -17.78 2.98
C ASP B 39 9.43 -18.28 1.78
N ALA B 40 10.02 -19.16 0.97
CA ALA B 40 9.32 -19.74 -0.20
C ALA B 40 8.06 -20.52 0.21
N ARG B 41 8.03 -20.97 1.45
CA ARG B 41 6.86 -21.67 1.97
C ARG B 41 5.69 -20.71 2.17
N ILE B 42 6.00 -19.45 2.42
CA ILE B 42 4.98 -18.40 2.55
C ILE B 42 5.50 -17.07 2.00
N PRO B 43 5.58 -16.96 0.68
CA PRO B 43 6.23 -15.82 0.04
C PRO B 43 5.55 -14.51 0.38
N TYR B 44 4.26 -14.56 0.67
CA TYR B 44 3.51 -13.34 0.96
C TYR B 44 3.35 -13.10 2.49
N SER B 45 2.98 -14.14 3.22
CA SER B 45 2.81 -14.00 4.68
C SER B 45 4.11 -13.79 5.45
N SER B 46 5.27 -14.08 4.84
CA SER B 46 6.54 -13.88 5.55
C SER B 46 7.15 -12.49 5.23
N ARG B 47 6.32 -11.60 4.69
CA ARG B 47 6.76 -10.23 4.44
C ARG B 47 6.44 -9.28 5.57
N ASN B 48 7.34 -8.31 5.79
CA ASN B 48 7.06 -7.26 6.73
C ASN B 48 5.88 -6.42 6.23
N PRO B 49 4.90 -6.13 7.12
CA PRO B 49 3.67 -5.40 6.74
C PRO B 49 3.93 -3.97 6.24
N MET B 50 5.08 -3.41 6.57
CA MET B 50 5.42 -2.09 6.06
C MET B 50 6.54 -2.13 5.03
N ILE B 51 6.78 -3.29 4.42
CA ILE B 51 7.99 -3.43 3.61
C ILE B 51 8.02 -2.42 2.46
N ASP B 52 6.90 -2.16 1.80
CA ASP B 52 6.92 -1.23 0.67
C ASP B 52 7.19 0.23 1.06
N GLU B 53 6.79 0.65 2.26
CA GLU B 53 7.10 2.00 2.73
C GLU B 53 8.57 2.12 3.11
N VAL B 54 9.12 1.06 3.69
CA VAL B 54 10.54 1.07 4.04
C VAL B 54 11.40 1.09 2.77
N ILE B 55 11.08 0.20 1.82
CA ILE B 55 11.88 0.07 0.60
C ILE B 55 11.69 1.27 -0.35
N ASN B 56 10.50 1.85 -0.35
CA ASN B 56 10.23 3.11 -1.05
C ASN B 56 10.76 3.14 -2.49
N GLN B 57 10.27 2.20 -3.31
CA GLN B 57 10.52 2.19 -4.75
C GLN B 57 11.97 1.87 -5.17
N LYS B 58 12.82 1.53 -4.22
CA LYS B 58 14.16 1.05 -4.55
C LYS B 58 14.07 -0.20 -5.45
N PRO B 59 14.94 -0.30 -6.48
CA PRO B 59 14.94 -1.53 -7.28
C PRO B 59 15.00 -2.74 -6.37
N ARG B 60 14.19 -3.75 -6.67
CA ARG B 60 13.98 -4.83 -5.72
C ARG B 60 14.13 -6.20 -6.33
N VAL B 61 14.96 -7.01 -5.71
CA VAL B 61 15.03 -8.43 -6.02
C VAL B 61 14.30 -9.17 -4.89
N VAL B 62 13.24 -9.92 -5.22
CA VAL B 62 12.60 -10.71 -4.17
C VAL B 62 13.17 -12.11 -4.18
N ILE B 63 13.84 -12.48 -3.09
CA ILE B 63 14.43 -13.81 -3.00
C ILE B 63 13.56 -14.76 -2.16
N LEU B 64 12.99 -15.76 -2.82
CA LEU B 64 12.23 -16.82 -2.18
C LEU B 64 13.22 -17.89 -1.71
N ASN B 65 13.59 -17.83 -0.43
CA ASN B 65 14.55 -18.74 0.14
C ASN B 65 13.87 -20.01 0.68
N LYS B 66 14.66 -21.05 0.94
CA LYS B 66 14.15 -22.36 1.39
C LYS B 66 13.26 -22.99 0.33
N LYS B 67 13.63 -22.82 -0.93
CA LYS B 67 12.84 -23.40 -2.02
C LYS B 67 12.79 -24.92 -1.89
N ASP B 68 13.84 -25.51 -1.33
CA ASP B 68 13.92 -26.96 -1.08
C ASP B 68 12.79 -27.44 -0.17
N MET B 69 12.17 -26.55 0.61
CA MET B 69 11.12 -26.98 1.54
C MET B 69 9.71 -26.60 1.05
N SER B 70 9.62 -26.07 -0.14
CA SER B 70 8.36 -25.61 -0.68
C SER B 70 7.88 -26.29 -1.96
N ASN B 71 6.79 -25.80 -2.52
CA ASN B 71 6.23 -26.33 -3.72
C ASN B 71 6.49 -25.32 -4.84
N LEU B 72 7.15 -25.77 -5.88
CA LEU B 72 7.50 -24.94 -7.00
C LEU B 72 6.38 -24.33 -7.80
N ASN B 73 5.34 -25.09 -8.02
CA ASN B 73 4.21 -24.61 -8.76
C ASN B 73 3.53 -23.46 -8.04
N GLU B 74 3.36 -23.61 -6.73
CA GLU B 74 2.79 -22.56 -5.92
C GLU B 74 3.69 -21.33 -5.86
N MET B 75 4.99 -21.56 -5.76
CA MET B 75 5.98 -20.52 -5.74
C MET B 75 5.95 -19.73 -7.04
N SER B 76 5.75 -20.40 -8.16
CA SER B 76 5.66 -19.72 -9.43
C SER B 76 4.48 -18.74 -9.48
N LYS B 77 3.35 -19.08 -8.87
CA LYS B 77 2.26 -18.13 -8.79
C LYS B 77 2.71 -16.91 -8.00
N TRP B 78 3.44 -17.10 -6.91
CA TRP B 78 3.90 -15.91 -6.18
C TRP B 78 4.93 -15.10 -6.96
N GLU B 79 5.85 -15.79 -7.64
CA GLU B 79 6.80 -15.10 -8.54
C GLU B 79 6.09 -14.26 -9.58
N GLN B 80 5.02 -14.79 -10.17
CA GLN B 80 4.24 -14.01 -11.12
C GLN B 80 3.68 -12.76 -10.44
N PHE B 81 3.16 -12.93 -9.23
CA PHE B 81 2.69 -11.80 -8.44
C PHE B 81 3.76 -10.71 -8.27
N PHE B 82 4.95 -11.10 -7.83
CA PHE B 82 6.06 -10.16 -7.65
C PHE B 82 6.49 -9.51 -8.95
N ILE B 83 6.45 -10.28 -10.04
CA ILE B 83 6.77 -9.74 -11.35
C ILE B 83 5.77 -8.63 -11.70
N ASP B 84 4.50 -8.87 -11.42
CA ASP B 84 3.47 -7.88 -11.76
C ASP B 84 3.62 -6.61 -10.94
N LYS B 85 4.29 -6.68 -9.80
CA LYS B 85 4.61 -5.49 -9.00
C LYS B 85 5.86 -4.76 -9.48
N GLY B 86 6.61 -5.37 -10.39
CA GLY B 86 7.80 -4.71 -10.93
C GLY B 86 9.06 -5.12 -10.18
N TYR B 87 8.98 -6.25 -9.47
CA TYR B 87 10.13 -6.78 -8.77
C TYR B 87 10.75 -7.92 -9.57
N TYR B 88 11.94 -8.33 -9.13
CA TYR B 88 12.65 -9.39 -9.79
C TYR B 88 12.77 -10.57 -8.83
N PRO B 89 11.84 -11.52 -8.94
CA PRO B 89 11.86 -12.64 -7.99
C PRO B 89 12.80 -13.76 -8.44
N VAL B 90 13.51 -14.35 -7.48
CA VAL B 90 14.33 -15.54 -7.72
C VAL B 90 14.14 -16.48 -6.54
N SER B 91 14.30 -17.79 -6.76
CA SER B 91 14.19 -18.71 -5.64
C SER B 91 15.53 -19.38 -5.37
N VAL B 92 15.89 -19.51 -4.10
CA VAL B 92 17.14 -20.18 -3.78
C VAL B 92 17.03 -21.13 -2.60
N ASP B 93 18.04 -21.99 -2.46
CA ASP B 93 18.31 -22.74 -1.23
C ASP B 93 19.63 -22.21 -0.64
N ALA B 94 19.50 -21.28 0.30
CA ALA B 94 20.68 -20.63 0.86
C ALA B 94 21.52 -21.62 1.66
N LYS B 95 20.86 -22.60 2.27
CA LYS B 95 21.55 -23.53 3.15
C LYS B 95 22.40 -24.53 2.37
N HIS B 96 21.81 -25.13 1.35
CA HIS B 96 22.52 -26.17 0.60
C HIS B 96 23.14 -25.63 -0.67
N GLY B 97 23.07 -24.31 -0.83
CA GLY B 97 23.96 -23.61 -1.74
C GLY B 97 23.47 -23.81 -3.15
N LYS B 98 22.15 -23.93 -3.30
CA LYS B 98 21.57 -24.19 -4.61
C LYS B 98 21.08 -22.91 -5.26
N ASN B 99 21.66 -22.60 -6.41
CA ASN B 99 21.17 -21.58 -7.35
C ASN B 99 21.54 -20.13 -7.02
N LEU B 100 22.69 -19.94 -6.38
CA LEU B 100 23.06 -18.64 -5.80
C LEU B 100 23.54 -17.59 -6.82
N LYS B 101 24.09 -18.05 -7.93
CA LYS B 101 24.63 -17.15 -8.96
C LYS B 101 23.54 -16.25 -9.56
N LYS B 102 22.29 -16.69 -9.43
CA LYS B 102 21.17 -15.88 -9.90
C LYS B 102 20.87 -14.65 -9.09
N VAL B 103 21.45 -14.57 -7.89
CA VAL B 103 21.24 -13.38 -7.09
C VAL B 103 21.90 -12.18 -7.78
N GLU B 104 23.20 -12.27 -8.03
CA GLU B 104 23.91 -11.23 -8.76
C GLU B 104 23.24 -10.90 -10.10
N ALA B 105 22.86 -11.95 -10.82
CA ALA B 105 22.22 -11.79 -12.12
C ALA B 105 20.96 -10.95 -11.97
N ALA B 106 20.16 -11.27 -10.96
CA ALA B 106 18.90 -10.56 -10.75
C ALA B 106 19.21 -9.11 -10.40
N ALA B 107 20.23 -8.92 -9.56
CA ALA B 107 20.59 -7.56 -9.19
C ALA B 107 20.93 -6.76 -10.44
N ILE B 108 21.69 -7.37 -11.35
CA ILE B 108 22.13 -6.66 -12.56
C ILE B 108 20.87 -6.24 -13.34
N LYS B 109 19.90 -7.13 -13.44
CA LYS B 109 18.72 -6.78 -14.22
C LYS B 109 17.92 -5.69 -13.50
N ALA B 110 17.82 -5.75 -12.17
CA ALA B 110 16.94 -4.83 -11.46
C ALA B 110 17.45 -3.38 -11.52
N THR B 111 18.77 -3.24 -11.63
CA THR B 111 19.40 -1.93 -11.66
C THR B 111 19.86 -1.53 -13.06
N ALA B 112 19.43 -2.29 -14.06
CA ALA B 112 19.90 -2.07 -15.42
C ALA B 112 19.53 -0.68 -15.94
N GLU B 113 18.34 -0.20 -15.61
CA GLU B 113 17.87 1.07 -16.13
C GLU B 113 18.62 2.23 -15.50
N LYS B 114 18.86 2.11 -14.21
CA LYS B 114 19.64 3.12 -13.49
C LYS B 114 21.02 3.28 -14.12
N PHE B 115 21.69 2.15 -14.34
CA PHE B 115 23.08 2.19 -14.83
C PHE B 115 23.20 2.50 -16.33
N GLU B 116 22.19 2.14 -17.10
CA GLU B 116 22.08 2.66 -18.47
C GLU B 116 22.00 4.19 -18.48
N ARG B 117 21.13 4.76 -17.66
CA ARG B 117 21.09 6.22 -17.63
C ARG B 117 22.35 6.86 -17.05
N GLU B 118 23.05 6.16 -16.16
CA GLU B 118 24.34 6.69 -15.74
C GLU B 118 25.37 6.65 -16.87
N LYS B 119 25.36 5.57 -17.67
CA LYS B 119 26.29 5.43 -18.79
C LYS B 119 26.02 6.46 -19.88
N ALA B 120 24.74 6.78 -20.07
CA ALA B 120 24.34 7.82 -21.01
C ALA B 120 24.83 9.20 -20.57
N LYS B 121 24.91 9.42 -19.27
CA LYS B 121 25.38 10.70 -18.73
C LYS B 121 26.90 10.74 -18.59
N GLY B 122 27.57 9.68 -19.01
CA GLY B 122 29.02 9.66 -19.04
C GLY B 122 29.69 9.31 -17.73
N LEU B 123 29.01 8.57 -16.87
CA LEU B 123 29.60 8.16 -15.60
C LEU B 123 30.32 6.83 -15.76
N LYS B 124 31.38 6.67 -14.99
CA LYS B 124 32.14 5.42 -14.96
C LYS B 124 31.28 4.28 -14.42
N PRO B 125 31.36 3.09 -15.06
CA PRO B 125 30.69 1.90 -14.51
C PRO B 125 31.22 1.53 -13.13
N ARG B 126 30.41 0.86 -12.31
CA ARG B 126 30.81 0.60 -10.94
C ARG B 126 30.05 -0.56 -10.32
N ALA B 127 30.60 -1.12 -9.26
CA ALA B 127 29.97 -2.25 -8.58
C ALA B 127 28.59 -1.87 -8.08
N ILE B 128 27.66 -2.81 -8.19
CA ILE B 128 26.32 -2.66 -7.64
C ILE B 128 26.35 -2.84 -6.13
N ARG B 129 25.74 -1.91 -5.41
CA ARG B 129 25.59 -2.06 -3.97
C ARG B 129 24.21 -2.57 -3.57
N ALA B 130 24.22 -3.58 -2.72
CA ALA B 130 23.00 -4.25 -2.34
C ALA B 130 22.97 -4.49 -0.84
N MET B 131 21.76 -4.66 -0.32
CA MET B 131 21.59 -5.15 1.03
C MET B 131 20.39 -6.12 1.09
N ILE B 132 20.41 -6.99 2.09
CA ILE B 132 19.34 -7.96 2.29
C ILE B 132 18.45 -7.45 3.41
N VAL B 133 17.14 -7.59 3.23
CA VAL B 133 16.16 -7.14 4.22
C VAL B 133 15.14 -8.26 4.39
N GLY B 134 14.60 -8.42 5.61
CA GLY B 134 13.51 -9.35 5.84
C GLY B 134 13.21 -9.63 7.31
N ILE B 135 12.16 -10.41 7.56
CA ILE B 135 11.77 -10.77 8.93
C ILE B 135 12.75 -11.80 9.50
N PRO B 136 12.72 -12.03 10.83
CA PRO B 136 13.64 -13.02 11.41
C PRO B 136 13.42 -14.43 10.88
N ASN B 137 14.52 -15.18 10.77
CA ASN B 137 14.53 -16.61 10.43
C ASN B 137 14.21 -17.00 8.98
N VAL B 138 14.18 -16.04 8.04
CA VAL B 138 13.96 -16.38 6.65
C VAL B 138 15.23 -16.85 5.93
N GLY B 139 16.37 -16.68 6.59
CA GLY B 139 17.64 -17.17 6.08
C GLY B 139 18.63 -16.09 5.67
N LYS B 140 18.53 -14.90 6.26
CA LYS B 140 19.37 -13.77 5.87
C LYS B 140 20.86 -13.98 6.16
N SER B 141 21.19 -14.44 7.36
CA SER B 141 22.59 -14.60 7.72
C SER B 141 23.19 -15.83 7.03
N THR B 142 22.37 -16.86 6.84
CA THR B 142 22.74 -18.00 5.98
C THR B 142 23.09 -17.57 4.54
N LEU B 143 22.23 -16.77 3.94
CA LEU B 143 22.46 -16.30 2.59
C LEU B 143 23.74 -15.43 2.53
N ILE B 144 23.88 -14.50 3.47
CA ILE B 144 25.06 -13.64 3.49
C ILE B 144 26.35 -14.46 3.62
N ASN B 145 26.38 -15.38 4.58
CA ASN B 145 27.53 -16.28 4.75
C ASN B 145 27.82 -17.08 3.49
N LYS B 146 26.78 -17.61 2.86
CA LYS B 146 26.98 -18.40 1.66
C LYS B 146 27.55 -17.56 0.51
N LEU B 147 27.00 -16.36 0.32
CA LEU B 147 27.50 -15.47 -0.73
C LEU B 147 28.91 -14.95 -0.47
N ALA B 148 29.31 -14.84 0.79
CA ALA B 148 30.67 -14.40 1.11
C ALA B 148 31.68 -15.54 1.01
N LYS B 149 31.18 -16.78 1.05
CA LYS B 149 32.01 -17.99 1.13
C LYS B 149 32.86 -18.02 2.42
N ARG B 150 32.26 -17.59 3.53
CA ARG B 150 32.89 -17.53 4.84
C ARG B 150 31.82 -17.14 5.87
N SER B 151 32.04 -17.50 7.13
CA SER B 151 31.17 -17.05 8.21
C SER B 151 31.39 -15.57 8.56
N ILE B 152 30.31 -14.79 8.49
CA ILE B 152 30.36 -13.38 8.85
C ILE B 152 29.88 -13.19 10.30
N GLY B 156 32.30 -7.36 16.42
CA GLY B 156 33.54 -7.31 17.15
C GLY B 156 33.64 -8.59 17.93
N ASN B 157 34.80 -9.23 17.96
CA ASN B 157 34.81 -10.56 18.54
C ASN B 157 35.38 -10.42 19.94
N LYS B 158 36.09 -9.32 20.19
CA LYS B 158 36.43 -8.99 21.57
C LYS B 158 35.15 -8.48 22.25
N PRO B 159 34.85 -8.97 23.46
CA PRO B 159 33.73 -8.40 24.20
C PRO B 159 33.85 -6.87 24.34
N GLY B 160 32.76 -6.16 24.06
CA GLY B 160 32.74 -4.71 24.17
C GLY B 160 33.27 -3.98 22.97
N VAL B 161 33.66 -4.71 21.94
CA VAL B 161 34.16 -4.08 20.72
C VAL B 161 33.08 -4.17 19.66
N THR B 162 32.75 -3.02 19.07
CA THR B 162 31.62 -2.92 18.15
C THR B 162 32.00 -3.14 16.69
N LYS B 163 31.45 -4.23 16.14
CA LYS B 163 31.44 -4.53 14.70
C LYS B 163 31.05 -3.36 13.80
N GLN B 164 31.91 -2.98 12.86
CA GLN B 164 31.43 -2.06 11.84
C GLN B 164 30.91 -2.80 10.60
N GLN B 165 29.87 -2.25 10.00
CA GLN B 165 29.27 -2.79 8.78
C GLN B 165 30.24 -2.72 7.62
N GLN B 166 30.32 -3.78 6.83
CA GLN B 166 31.27 -3.84 5.73
C GLN B 166 30.64 -4.37 4.44
N TRP B 167 31.28 -4.08 3.32
CA TRP B 167 30.85 -4.58 2.03
C TRP B 167 31.57 -5.89 1.68
N ILE B 168 30.81 -6.85 1.18
CA ILE B 168 31.32 -8.13 0.72
C ILE B 168 31.33 -8.16 -0.79
N LYS B 169 32.48 -8.45 -1.37
CA LYS B 169 32.53 -8.63 -2.79
C LYS B 169 31.83 -9.94 -3.14
N VAL B 170 30.82 -9.84 -4.00
CA VAL B 170 30.13 -10.99 -4.49
C VAL B 170 30.14 -10.94 -6.00
N GLY B 171 30.61 -12.06 -6.55
CA GLY B 171 30.80 -12.19 -7.98
C GLY B 171 31.69 -11.15 -8.60
N ASN B 172 31.27 -10.70 -9.76
CA ASN B 172 31.94 -9.71 -10.56
C ASN B 172 31.41 -8.27 -10.39
N ALA B 173 30.11 -8.16 -10.14
CA ALA B 173 29.44 -6.87 -10.23
C ALA B 173 28.83 -6.40 -8.90
N LEU B 174 28.90 -7.22 -7.84
CA LEU B 174 28.07 -6.93 -6.68
C LEU B 174 28.83 -6.67 -5.37
N GLN B 175 28.51 -5.56 -4.71
CA GLN B 175 28.94 -5.36 -3.33
C GLN B 175 27.74 -5.48 -2.36
N LEU B 176 27.86 -6.43 -1.45
CA LEU B 176 26.77 -6.72 -0.52
C LEU B 176 27.05 -6.26 0.91
N LEU B 177 26.18 -5.42 1.46
CA LEU B 177 26.30 -5.04 2.86
C LEU B 177 26.28 -6.31 3.73
N ASP B 178 27.24 -6.46 4.64
CA ASP B 178 27.36 -7.72 5.37
C ASP B 178 26.38 -7.88 6.52
N THR B 179 25.51 -6.90 6.69
CA THR B 179 24.56 -6.88 7.80
C THR B 179 23.14 -6.71 7.25
N PRO B 180 22.24 -7.65 7.58
CA PRO B 180 20.89 -7.58 7.01
C PRO B 180 20.08 -6.51 7.74
N GLY B 181 19.05 -5.98 7.11
CA GLY B 181 18.10 -5.15 7.82
C GLY B 181 17.02 -6.08 8.34
N ILE B 182 16.76 -6.05 9.64
CA ILE B 182 15.81 -6.99 10.21
C ILE B 182 14.50 -6.28 10.54
N LEU B 183 13.40 -6.75 9.97
CA LEU B 183 12.10 -6.13 10.23
C LEU B 183 11.15 -7.12 10.87
N TRP B 184 10.02 -6.63 11.39
CA TRP B 184 9.11 -7.47 12.15
C TRP B 184 8.10 -8.15 11.25
N PRO B 185 7.61 -9.32 11.67
CA PRO B 185 6.57 -9.99 10.88
C PRO B 185 5.22 -9.33 11.03
N LYS B 186 4.29 -9.75 10.18
CA LYS B 186 2.90 -9.37 10.30
C LYS B 186 2.37 -9.91 11.62
N PHE B 187 1.68 -9.06 12.38
CA PHE B 187 1.19 -9.41 13.71
C PHE B 187 -0.33 -9.47 13.79
N GLU B 188 -0.97 -8.63 12.97
CA GLU B 188 -2.39 -8.30 13.13
C GLU B 188 -3.37 -9.44 12.82
N ASP B 189 -2.94 -10.45 12.08
CA ASP B 189 -3.88 -11.42 11.56
C ASP B 189 -3.62 -12.85 12.04
N GLU B 190 -4.66 -13.49 12.58
CA GLU B 190 -4.50 -14.79 13.24
C GLU B 190 -4.14 -15.94 12.28
N GLU B 191 -4.68 -15.95 11.07
CA GLU B 191 -4.26 -16.96 10.10
C GLU B 191 -2.79 -16.78 9.69
N VAL B 192 -2.36 -15.53 9.49
CA VAL B 192 -0.95 -15.28 9.19
C VAL B 192 -0.10 -15.73 10.39
N GLY B 193 -0.60 -15.50 11.59
CA GLY B 193 0.06 -15.98 12.79
C GLY B 193 0.28 -17.48 12.74
N LYS B 194 -0.74 -18.20 12.28
CA LYS B 194 -0.65 -19.65 12.20
C LYS B 194 0.35 -20.10 11.13
N LYS B 195 0.30 -19.45 9.97
CA LYS B 195 1.28 -19.72 8.91
C LYS B 195 2.71 -19.50 9.39
N LEU B 196 2.94 -18.37 10.05
CA LEU B 196 4.27 -18.03 10.56
C LEU B 196 4.72 -19.01 11.62
N SER B 197 3.79 -19.46 12.46
CA SER B 197 4.19 -20.43 13.47
C SER B 197 4.51 -21.78 12.82
N LEU B 198 3.76 -22.15 11.77
CA LEU B 198 3.99 -23.43 11.08
C LEU B 198 5.31 -23.50 10.36
N THR B 199 5.84 -22.35 9.97
CA THR B 199 7.12 -22.34 9.28
C THR B 199 8.26 -22.05 10.26
N GLY B 200 7.91 -21.84 11.51
CA GLY B 200 8.87 -21.52 12.55
C GLY B 200 9.46 -20.11 12.52
N ALA B 201 8.82 -19.21 11.77
CA ALA B 201 9.23 -17.81 11.74
C ALA B 201 9.02 -17.18 13.09
N ILE B 202 7.92 -17.53 13.74
CA ILE B 202 7.66 -17.12 15.11
C ILE B 202 7.51 -18.37 16.00
N LYS B 203 8.50 -18.62 16.85
CA LYS B 203 8.41 -19.70 17.82
C LYS B 203 8.08 -19.06 19.14
N ASP B 204 7.11 -18.17 19.10
CA ASP B 204 6.76 -17.37 20.25
C ASP B 204 5.27 -17.41 20.48
N SER B 205 4.88 -17.24 21.74
CA SER B 205 3.52 -17.42 22.22
C SER B 205 2.41 -16.63 21.51
N ILE B 206 1.33 -16.40 22.27
CA ILE B 206 0.11 -15.68 21.84
C ILE B 206 -0.34 -16.07 20.41
N VAL B 207 -0.19 -17.36 20.12
CA VAL B 207 -0.92 -18.05 19.06
C VAL B 207 -0.86 -19.49 19.54
N HIS B 208 -2.02 -19.99 19.98
CA HIS B 208 -2.11 -21.26 20.66
C HIS B 208 -1.61 -22.41 19.78
N LEU B 209 -0.69 -23.21 20.31
CA LEU B 209 -0.08 -24.27 19.51
C LEU B 209 -1.10 -25.31 19.05
N ASP B 210 -2.11 -25.57 19.86
CA ASP B 210 -3.12 -26.54 19.49
C ASP B 210 -3.82 -26.07 18.21
N GLU B 211 -4.11 -24.76 18.13
CA GLU B 211 -4.76 -24.20 16.95
C GLU B 211 -3.81 -24.16 15.75
N VAL B 212 -2.52 -23.96 16.00
CA VAL B 212 -1.54 -24.01 14.92
C VAL B 212 -1.50 -25.42 14.34
N ALA B 213 -1.45 -26.42 15.23
CA ALA B 213 -1.48 -27.82 14.85
C ALA B 213 -2.76 -28.21 14.07
N ILE B 214 -3.90 -27.71 14.52
CA ILE B 214 -5.18 -27.93 13.84
C ILE B 214 -5.13 -27.34 12.43
N TYR B 215 -4.65 -26.12 12.33
CA TYR B 215 -4.51 -25.48 11.04
C TYR B 215 -3.63 -26.32 10.10
N GLY B 216 -2.47 -26.75 10.59
CA GLY B 216 -1.53 -27.55 9.81
C GLY B 216 -2.13 -28.86 9.33
N LEU B 217 -2.74 -29.58 10.26
CA LEU B 217 -3.41 -30.83 9.91
C LEU B 217 -4.50 -30.62 8.88
N ASN B 218 -5.30 -29.56 9.03
CA ASN B 218 -6.34 -29.31 8.05
C ASN B 218 -5.74 -28.98 6.67
N PHE B 219 -4.63 -28.24 6.67
CA PHE B 219 -3.95 -27.91 5.42
C PHE B 219 -3.55 -29.21 4.72
N LEU B 220 -2.95 -30.11 5.48
CA LEU B 220 -2.51 -31.39 4.94
C LEU B 220 -3.64 -32.31 4.50
N ILE B 221 -4.73 -32.30 5.27
CA ILE B 221 -5.89 -33.09 4.91
C ILE B 221 -6.44 -32.62 3.57
N GLN B 222 -6.56 -31.31 3.40
CA GLN B 222 -7.06 -30.73 2.15
C GLN B 222 -6.09 -30.86 0.97
N ASN B 223 -4.79 -30.77 1.21
CA ASN B 223 -3.84 -30.71 0.10
C ASN B 223 -2.98 -31.95 -0.16
N ASP B 224 -2.74 -32.79 0.84
CA ASP B 224 -1.87 -33.95 0.63
C ASP B 224 -2.25 -35.11 1.54
N LEU B 225 -3.54 -35.50 1.51
CA LEU B 225 -4.11 -36.46 2.44
C LEU B 225 -3.39 -37.81 2.47
N ALA B 226 -3.14 -38.38 1.30
CA ALA B 226 -2.46 -39.68 1.24
C ALA B 226 -1.08 -39.60 1.90
N ARG B 227 -0.40 -38.48 1.72
CA ARG B 227 0.95 -38.34 2.24
C ARG B 227 0.94 -38.30 3.76
N LEU B 228 -0.02 -37.56 4.30
CA LEU B 228 -0.23 -37.44 5.74
C LEU B 228 -0.46 -38.82 6.36
N LYS B 229 -1.36 -39.55 5.72
CA LYS B 229 -1.69 -40.90 6.20
C LYS B 229 -0.49 -41.84 6.15
N SER B 230 0.20 -41.85 5.02
CA SER B 230 1.31 -42.78 4.85
C SER B 230 2.45 -42.41 5.77
N HIS B 231 2.64 -41.11 6.00
CA HIS B 231 3.70 -40.65 6.89
C HIS B 231 3.49 -41.13 8.31
N TYR B 232 2.27 -40.97 8.85
CA TYR B 232 2.06 -41.44 10.21
C TYR B 232 1.58 -42.90 10.27
N ASN B 233 1.40 -43.50 9.10
CA ASN B 233 0.89 -44.86 8.99
C ASN B 233 -0.47 -44.99 9.70
N ILE B 234 -1.39 -44.09 9.35
CA ILE B 234 -2.71 -44.10 9.96
C ILE B 234 -3.78 -44.05 8.87
N GLU B 235 -5.00 -44.48 9.23
CA GLU B 235 -6.15 -44.33 8.34
C GLU B 235 -7.29 -43.81 9.22
N VAL B 236 -7.96 -42.77 8.74
CA VAL B 236 -8.88 -42.01 9.58
C VAL B 236 -10.18 -41.82 8.80
N PRO B 237 -11.35 -42.08 9.44
CA PRO B 237 -12.64 -41.85 8.79
C PRO B 237 -12.73 -40.44 8.21
N GLU B 238 -13.24 -40.29 7.00
CA GLU B 238 -13.29 -38.97 6.39
C GLU B 238 -14.30 -38.06 7.09
N ASP B 239 -15.30 -38.64 7.76
CA ASP B 239 -16.24 -37.78 8.47
C ASP B 239 -15.88 -37.56 9.95
N ALA B 240 -14.69 -38.02 10.34
CA ALA B 240 -14.24 -37.78 11.70
C ALA B 240 -13.86 -36.30 11.86
N GLU B 241 -13.99 -35.79 13.08
CA GLU B 241 -13.53 -34.44 13.39
C GLU B 241 -12.04 -34.47 13.68
N ILE B 242 -11.43 -33.29 13.68
CA ILE B 242 -9.97 -33.19 13.71
C ILE B 242 -9.36 -33.88 14.94
N ILE B 243 -10.11 -33.94 16.03
CA ILE B 243 -9.61 -34.59 17.24
C ILE B 243 -9.21 -36.05 16.98
N ALA B 244 -9.96 -36.73 16.10
CA ALA B 244 -9.65 -38.12 15.71
C ALA B 244 -8.29 -38.23 15.05
N TRP B 245 -7.82 -37.16 14.42
CA TRP B 245 -6.50 -37.20 13.81
C TRP B 245 -5.42 -37.18 14.88
N PHE B 246 -5.59 -36.29 15.85
CA PHE B 246 -4.66 -36.21 16.98
C PHE B 246 -4.62 -37.55 17.68
N ASP B 247 -5.80 -38.15 17.88
CA ASP B 247 -5.93 -39.45 18.53
C ASP B 247 -5.28 -40.60 17.75
N ALA B 248 -5.51 -40.66 16.44
CA ALA B 248 -4.92 -41.73 15.63
C ALA B 248 -3.39 -41.62 15.62
N ILE B 249 -2.89 -40.39 15.47
CA ILE B 249 -1.45 -40.19 15.51
C ILE B 249 -0.87 -40.56 16.87
N GLY B 250 -1.48 -40.03 17.93
CA GLY B 250 -1.05 -40.31 19.28
C GLY B 250 -1.02 -41.80 19.59
N LYS B 251 -2.08 -42.50 19.19
CA LYS B 251 -2.18 -43.92 19.45
C LYS B 251 -1.14 -44.70 18.65
N LYS B 252 -0.95 -44.34 17.39
CA LYS B 252 0.03 -45.07 16.58
C LYS B 252 1.46 -44.84 17.09
N ARG B 253 1.74 -43.63 17.56
CA ARG B 253 3.07 -43.30 18.07
C ARG B 253 3.24 -43.64 19.54
N GLY B 254 2.19 -44.10 20.19
CA GLY B 254 2.28 -44.42 21.60
C GLY B 254 2.47 -43.19 22.49
N LEU B 255 2.08 -42.03 21.98
CA LEU B 255 2.11 -40.83 22.79
C LEU B 255 0.87 -40.81 23.68
N ILE B 256 0.95 -41.57 24.77
CA ILE B 256 -0.15 -41.69 25.72
C ILE B 256 0.25 -41.35 27.15
N ARG B 257 -0.74 -41.17 28.01
CA ARG B 257 -0.50 -40.85 29.41
C ARG B 257 -1.71 -41.29 30.23
N ARG B 258 -1.49 -41.60 31.51
CA ARG B 258 -2.58 -41.98 32.42
C ARG B 258 -3.37 -43.15 31.86
N GLY B 259 -2.71 -44.28 31.63
CA GLY B 259 -3.35 -45.46 31.04
C GLY B 259 -3.31 -45.48 29.53
N ASN B 260 -4.35 -44.95 28.89
CA ASN B 260 -4.39 -44.88 27.43
C ASN B 260 -5.16 -43.65 26.97
N GLU B 261 -5.01 -42.56 27.72
CA GLU B 261 -5.44 -41.23 27.31
C GLU B 261 -4.37 -40.67 26.38
N ILE B 262 -4.76 -39.80 25.46
CA ILE B 262 -3.81 -39.23 24.51
C ILE B 262 -3.06 -38.06 25.13
N ASP B 263 -1.74 -38.08 24.98
CA ASP B 263 -0.91 -36.96 25.38
C ASP B 263 -0.94 -35.92 24.25
N TYR B 264 -1.93 -35.05 24.33
CA TYR B 264 -2.15 -34.07 23.26
C TYR B 264 -1.01 -33.08 23.10
N GLU B 265 -0.39 -32.67 24.21
CA GLU B 265 0.74 -31.75 24.13
C GLU B 265 1.86 -32.35 23.28
N ALA B 266 2.09 -33.65 23.46
CA ALA B 266 3.13 -34.36 22.73
C ALA B 266 2.74 -34.54 21.26
N VAL B 267 1.48 -34.86 21.00
CA VAL B 267 1.02 -34.99 19.62
C VAL B 267 1.18 -33.66 18.89
N ILE B 268 0.70 -32.58 19.51
CA ILE B 268 0.79 -31.24 18.95
C ILE B 268 2.24 -30.89 18.62
N GLU B 269 3.14 -31.12 19.58
CA GLU B 269 4.55 -30.82 19.35
C GLU B 269 5.14 -31.65 18.19
N LEU B 270 4.76 -32.92 18.10
CA LEU B 270 5.20 -33.76 16.98
C LEU B 270 4.69 -33.24 15.62
N ILE B 271 3.41 -32.87 15.56
CA ILE B 271 2.84 -32.36 14.31
C ILE B 271 3.55 -31.07 13.89
N ILE B 272 3.78 -30.18 14.85
CA ILE B 272 4.37 -28.88 14.55
C ILE B 272 5.81 -29.08 14.07
N TYR B 273 6.56 -29.93 14.78
CA TYR B 273 7.92 -30.28 14.38
C TYR B 273 7.96 -30.84 12.95
N ASP B 274 7.09 -31.82 12.65
CA ASP B 274 7.08 -32.43 11.32
C ASP B 274 6.70 -31.44 10.22
N ILE B 275 5.79 -30.53 10.49
CA ILE B 275 5.45 -29.55 9.45
C ILE B 275 6.58 -28.50 9.27
N ARG B 276 7.09 -27.97 10.39
CA ARG B 276 8.19 -27.00 10.37
C ARG B 276 9.42 -27.51 9.63
N ASN B 277 9.75 -28.78 9.83
CA ASN B 277 10.98 -29.31 9.26
C ASN B 277 10.77 -30.14 8.00
N ALA B 278 9.62 -29.93 7.37
CA ALA B 278 9.31 -30.58 6.08
C ALA B 278 9.46 -32.09 6.13
N LYS B 279 9.15 -32.70 7.27
CA LYS B 279 9.25 -34.15 7.40
C LYS B 279 8.16 -34.89 6.65
N ILE B 280 7.05 -34.22 6.34
CA ILE B 280 5.92 -34.88 5.68
C ILE B 280 5.96 -34.57 4.20
N GLY B 281 6.21 -33.30 3.88
CA GLY B 281 6.35 -32.92 2.48
C GLY B 281 6.86 -31.50 2.35
N ASN B 282 6.92 -31.03 1.11
CA ASN B 282 7.39 -29.69 0.81
C ASN B 282 6.22 -28.84 0.33
N TYR B 283 5.74 -27.97 1.20
CA TYR B 283 4.48 -27.26 0.93
C TYR B 283 4.68 -25.78 0.90
N CYS B 284 3.86 -25.11 0.10
CA CYS B 284 3.69 -23.68 0.17
C CYS B 284 2.33 -23.39 0.83
N PHE B 285 2.34 -22.75 1.99
CA PHE B 285 1.07 -22.58 2.74
C PHE B 285 0.32 -21.31 2.34
N ASP B 286 0.95 -20.44 1.56
CA ASP B 286 0.24 -19.30 0.99
C ASP B 286 -0.41 -19.79 -0.30
N ILE B 287 -1.71 -20.10 -0.26
CA ILE B 287 -2.39 -20.61 -1.46
C ILE B 287 -2.89 -19.42 -2.24
N PHE B 288 -2.24 -19.12 -3.36
CA PHE B 288 -2.50 -17.88 -4.08
C PHE B 288 -3.98 -17.67 -4.40
N LYS B 289 -4.63 -18.68 -4.97
CA LYS B 289 -6.02 -18.53 -5.38
C LYS B 289 -6.99 -18.41 -4.19
N ASP B 290 -6.55 -18.82 -3.01
CA ASP B 290 -7.37 -18.61 -1.81
C ASP B 290 -7.14 -17.26 -1.16
N MET B 291 -6.16 -16.49 -1.64
CA MET B 291 -5.81 -15.26 -0.92
C MET B 291 -6.18 -14.02 -1.72
N THR B 292 -7.09 -14.20 -2.66
CA THR B 292 -7.48 -13.14 -3.60
C THR B 292 -7.95 -11.87 -2.90
N GLU B 293 -8.83 -12.05 -1.91
CA GLU B 293 -9.40 -10.92 -1.18
C GLU B 293 -8.35 -10.20 -0.35
N GLU B 294 -7.52 -10.97 0.35
CA GLU B 294 -6.43 -10.39 1.13
C GLU B 294 -5.50 -9.55 0.24
N LEU B 295 -5.15 -10.09 -0.93
CA LEU B 295 -4.31 -9.35 -1.87
C LEU B 295 -4.99 -8.08 -2.32
N ALA B 296 -6.31 -8.15 -2.55
CA ALA B 296 -7.06 -6.96 -2.99
C ALA B 296 -7.07 -5.88 -1.91
N ASN B 297 -7.28 -6.29 -0.66
CA ASN B 297 -7.26 -5.36 0.46
C ASN B 297 -5.89 -4.70 0.66
N ASP B 298 -4.83 -5.47 0.61
CA ASP B 298 -3.49 -4.96 0.77
C ASP B 298 -2.99 -4.06 -0.36
N ALA B 299 -3.51 -4.28 -1.55
CA ALA B 299 -3.03 -3.67 -2.78
C ALA B 299 -3.01 -2.18 -3.04
N ASN B 300 -4.07 -1.45 -2.72
CA ASN B 300 -4.17 -0.12 -3.30
C ASN B 300 -3.08 0.75 -2.75
N ASN B 301 -2.93 0.65 -1.44
CA ASN B 301 -1.98 1.39 -0.59
C ASN B 301 -1.07 2.41 -1.25
PB GDP C . -2.76 17.85 0.36
O1B GDP C . -3.63 18.55 -0.63
O2B GDP C . -1.28 18.36 0.25
O3B GDP C . -3.39 18.28 1.64
O3A GDP C . -2.83 16.28 0.13
PA GDP C . -1.63 15.23 0.18
O1A GDP C . -0.60 15.54 -0.85
O2A GDP C . -0.91 15.37 1.48
O5' GDP C . -2.17 13.75 -0.04
C5' GDP C . -3.40 13.34 0.59
C4' GDP C . -3.53 11.84 0.46
O4' GDP C . -4.02 11.44 -0.87
C3' GDP C . -2.20 11.21 0.60
O3' GDP C . -2.35 9.94 1.26
C2' GDP C . -1.72 10.97 -0.75
O2' GDP C . -0.81 9.86 -0.74
C1' GDP C . -2.94 10.66 -1.52
N9 GDP C . -2.85 11.05 -2.87
C8 GDP C . -2.44 12.17 -3.15
N7 GDP C . -2.47 12.26 -4.54
C5 GDP C . -3.00 10.95 -5.00
C6 GDP C . -3.32 10.28 -6.19
O6 GDP C . -3.19 10.81 -7.29
N1 GDP C . -3.82 8.98 -6.14
C2 GDP C . -3.99 8.35 -4.92
N2 GDP C . -4.51 7.03 -4.86
N3 GDP C . -3.67 9.01 -3.80
C4 GDP C . -3.21 10.24 -3.77
PB GDP D . 17.87 -15.12 9.66
O1B GDP D . 17.00 -14.39 8.68
O2B GDP D . 19.35 -14.62 9.57
O3B GDP D . 17.22 -14.79 10.95
O3A GDP D . 17.79 -16.69 9.35
PA GDP D . 18.95 -17.77 9.43
O1A GDP D . 20.02 -17.49 8.45
O2A GDP D . 19.68 -17.70 10.74
O5' GDP D . 18.30 -19.20 9.16
C5' GDP D . 17.12 -19.63 9.89
C4' GDP D . 17.07 -21.11 9.83
O4' GDP D . 16.64 -21.54 8.49
C3' GDP D . 18.43 -21.67 10.01
O3' GDP D . 18.36 -22.87 10.79
C2' GDP D . 18.92 -21.97 8.66
O2' GDP D . 19.84 -23.08 8.75
C1' GDP D . 17.72 -22.33 7.87
N9 GDP D . 17.79 -21.99 6.51
C8 GDP D . 18.17 -20.86 6.21
N7 GDP D . 18.14 -20.78 4.83
C5 GDP D . 17.62 -22.12 4.38
C6 GDP D . 17.31 -22.81 3.19
O6 GDP D . 17.44 -22.25 2.12
N1 GDP D . 16.83 -24.12 3.24
C2 GDP D . 16.68 -24.74 4.46
N2 GDP D . 16.19 -26.09 4.53
N3 GDP D . 16.97 -24.07 5.58
C4 GDP D . 17.43 -22.82 5.62
#